data_5LLJ
#
_entry.id   5LLJ
#
_cell.length_a   64.250
_cell.length_b   64.250
_cell.length_c   72.330
_cell.angle_alpha   90.00
_cell.angle_beta   90.00
_cell.angle_gamma   90.00
#
_symmetry.space_group_name_H-M   'P 42 21 2'
#
loop_
_entity.id
_entity.type
_entity.pdbx_description
1 polymer Integrase
2 non-polymer 'CHLORIDE ION'
3 water water
#
_entity_poly.entity_id   1
_entity_poly.type   'polypeptide(L)'
_entity_poly.pdbx_seq_one_letter_code
;EKIRFCYYRTRKRGHPGEWQGPTQVLWGGDGAIVVKDRGTDRYLVIANKDVKFIPPPK
;
_entity_poly.pdbx_strand_id   A,B
#
# COMPACT_ATOMS: atom_id res chain seq x y z
N LYS A 2 17.44 8.23 1.81
CA LYS A 2 17.56 7.12 2.75
C LYS A 2 16.72 5.92 2.32
N ILE A 3 17.38 4.86 1.85
CA ILE A 3 16.73 3.66 1.36
C ILE A 3 16.70 2.63 2.48
N ARG A 4 15.50 2.15 2.80
CA ARG A 4 15.31 1.06 3.74
C ARG A 4 14.83 -0.17 2.98
N PHE A 5 15.46 -1.31 3.26
CA PHE A 5 15.00 -2.60 2.76
C PHE A 5 14.48 -3.44 3.91
N CYS A 6 13.73 -4.49 3.56
CA CYS A 6 13.12 -5.35 4.56
C CYS A 6 12.94 -6.75 3.98
N TYR A 7 12.73 -7.71 4.88
CA TYR A 7 12.04 -8.95 4.59
C TYR A 7 10.59 -8.79 5.00
N TYR A 8 9.69 -9.46 4.28
CA TYR A 8 8.28 -9.41 4.60
C TYR A 8 7.67 -10.78 4.36
N ARG A 9 6.50 -10.99 4.95
CA ARG A 9 5.77 -12.23 4.75
C ARG A 9 4.28 -11.94 4.72
N THR A 10 3.54 -12.84 4.09
CA THR A 10 2.09 -12.77 4.07
C THR A 10 1.54 -14.02 4.76
N ARG A 11 0.25 -13.99 5.06
CA ARG A 11 -0.38 -15.08 5.78
C ARG A 11 -1.49 -15.70 4.94
N LYS A 12 -1.69 -16.99 5.18
CA LYS A 12 -2.77 -17.74 4.55
C LYS A 12 -3.65 -18.24 5.69
N ARG A 13 -4.78 -17.56 5.86
CA ARG A 13 -5.74 -17.81 6.93
C ARG A 13 -5.05 -17.75 8.29
N GLY A 14 -4.25 -16.70 8.47
CA GLY A 14 -3.59 -16.45 9.73
C GLY A 14 -2.21 -17.05 9.86
N HIS A 15 -1.88 -18.08 9.08
CA HIS A 15 -0.59 -18.74 9.23
CA HIS A 15 -0.59 -18.74 9.23
C HIS A 15 0.47 -17.99 8.46
N PRO A 16 1.55 -17.52 9.10
CA PRO A 16 2.58 -16.78 8.39
C PRO A 16 3.38 -17.69 7.46
N GLY A 17 3.64 -17.18 6.25
CA GLY A 17 4.42 -17.91 5.27
C GLY A 17 5.91 -17.63 5.40
N GLU A 18 6.64 -18.02 4.37
CA GLU A 18 8.08 -17.82 4.37
C GLU A 18 8.42 -16.34 4.26
N TRP A 19 9.52 -15.96 4.89
CA TRP A 19 10.05 -14.62 4.69
C TRP A 19 10.46 -14.42 3.25
N GLN A 20 10.09 -13.28 2.68
CA GLN A 20 10.38 -12.96 1.30
C GLN A 20 11.23 -11.70 1.25
N GLY A 21 11.86 -11.49 0.09
CA GLY A 21 12.74 -10.36 -0.09
C GLY A 21 14.20 -10.76 -0.23
N PRO A 22 15.12 -9.84 0.09
CA PRO A 22 14.83 -8.48 0.57
C PRO A 22 14.23 -7.56 -0.49
N THR A 23 13.48 -6.55 -0.05
CA THR A 23 12.83 -5.63 -0.98
C THR A 23 12.75 -4.27 -0.32
N GLN A 24 12.61 -3.24 -1.15
CA GLN A 24 12.63 -1.88 -0.64
C GLN A 24 11.33 -1.55 0.09
N VAL A 25 11.46 -0.88 1.23
CA VAL A 25 10.31 -0.30 1.93
C VAL A 25 9.92 0.95 1.16
N LEU A 26 8.82 0.88 0.41
CA LEU A 26 8.46 1.98 -0.46
C LEU A 26 7.73 3.10 0.28
N TRP A 27 6.99 2.75 1.33
CA TRP A 27 6.29 3.74 2.13
C TRP A 27 6.07 3.16 3.52
N GLY A 28 6.20 4.03 4.53
CA GLY A 28 5.90 3.63 5.89
C GLY A 28 4.70 4.37 6.44
N GLY A 29 3.66 3.63 6.80
CA GLY A 29 2.50 4.19 7.43
C GLY A 29 2.49 3.91 8.93
N ASP A 30 1.30 4.04 9.52
CA ASP A 30 1.12 3.78 10.94
C ASP A 30 0.78 2.30 11.12
N GLY A 31 1.79 1.50 11.45
CA GLY A 31 1.59 0.09 11.70
C GLY A 31 1.73 -0.80 10.49
N ALA A 32 2.09 -0.25 9.33
CA ALA A 32 2.19 -1.06 8.12
C ALA A 32 3.09 -0.34 7.12
N ILE A 33 3.57 -1.11 6.14
CA ILE A 33 4.43 -0.59 5.09
C ILE A 33 3.88 -1.04 3.74
N VAL A 34 4.42 -0.45 2.68
CA VAL A 34 4.10 -0.80 1.31
C VAL A 34 5.36 -1.35 0.64
N VAL A 35 5.23 -2.51 0.00
CA VAL A 35 6.31 -3.10 -0.78
C VAL A 35 5.75 -3.45 -2.15
N LYS A 36 6.65 -3.74 -3.08
CA LYS A 36 6.29 -4.25 -4.40
C LYS A 36 6.71 -5.71 -4.50
N ASP A 37 5.74 -6.59 -4.77
CA ASP A 37 6.03 -8.00 -4.95
C ASP A 37 6.80 -8.19 -6.26
N ARG A 38 8.00 -8.76 -6.15
CA ARG A 38 8.84 -8.93 -7.34
C ARG A 38 8.23 -9.89 -8.33
N GLY A 39 7.52 -10.92 -7.86
CA GLY A 39 6.96 -11.93 -8.74
C GLY A 39 5.71 -11.49 -9.47
N THR A 40 4.85 -10.72 -8.79
CA THR A 40 3.59 -10.28 -9.37
C THR A 40 3.59 -8.83 -9.83
N ASP A 41 4.66 -8.08 -9.57
CA ASP A 41 4.75 -6.67 -9.94
C ASP A 41 3.60 -5.86 -9.33
N ARG A 42 3.19 -6.24 -8.13
CA ARG A 42 2.02 -5.66 -7.48
C ARG A 42 2.43 -5.06 -6.13
N TYR A 43 1.81 -3.94 -5.77
CA TYR A 43 2.05 -3.34 -4.46
C TYR A 43 1.24 -4.05 -3.39
N LEU A 44 1.88 -4.27 -2.23
CA LEU A 44 1.26 -4.95 -1.11
C LEU A 44 1.42 -4.13 0.16
N VAL A 45 0.38 -4.10 0.98
CA VAL A 45 0.47 -3.53 2.32
C VAL A 45 0.78 -4.66 3.30
N ILE A 46 1.82 -4.47 4.11
CA ILE A 46 2.29 -5.48 5.04
C ILE A 46 2.25 -4.90 6.44
N ALA A 47 1.55 -5.57 7.35
CA ALA A 47 1.55 -5.15 8.75
C ALA A 47 2.95 -5.30 9.33
N ASN A 48 3.31 -4.36 10.22
CA ASN A 48 4.68 -4.29 10.73
C ASN A 48 5.11 -5.57 11.43
N LYS A 49 4.17 -6.31 12.02
CA LYS A 49 4.59 -7.54 12.69
C LYS A 49 5.01 -8.61 11.70
N ASP A 50 4.73 -8.43 10.41
CA ASP A 50 5.21 -9.33 9.36
C ASP A 50 6.31 -8.67 8.52
N VAL A 51 7.05 -7.76 9.11
CA VAL A 51 8.17 -7.07 8.47
C VAL A 51 9.41 -7.25 9.32
N LYS A 52 10.55 -7.53 8.68
CA LYS A 52 11.86 -7.48 9.30
C LYS A 52 12.66 -6.39 8.59
N PHE A 53 12.86 -5.25 9.26
CA PHE A 53 13.65 -4.18 8.66
C PHE A 53 15.14 -4.54 8.71
N ILE A 54 15.83 -4.29 7.61
CA ILE A 54 17.24 -4.65 7.47
C ILE A 54 18.07 -3.43 7.84
N PRO A 55 18.95 -3.52 8.85
CA PRO A 55 19.74 -2.36 9.25
C PRO A 55 20.89 -2.11 8.28
N PRO A 56 21.36 -0.87 8.20
CA PRO A 56 22.54 -0.57 7.37
C PRO A 56 23.80 -1.10 8.02
N PRO A 57 24.91 -1.18 7.28
CA PRO A 57 26.16 -1.66 7.89
C PRO A 57 26.65 -0.75 9.00
N LYS A 58 27.38 -1.35 9.94
CA LYS A 58 27.99 -0.58 11.03
C LYS A 58 29.10 0.32 10.51
N LYS B 2 1.36 20.56 -1.21
CA LYS B 2 1.94 19.23 -1.42
C LYS B 2 0.91 18.13 -1.15
N ILE B 3 0.05 18.36 -0.15
CA ILE B 3 -0.98 17.38 0.16
C ILE B 3 -1.95 17.27 -1.00
N ARG B 4 -2.19 16.04 -1.45
CA ARG B 4 -3.13 15.75 -2.52
C ARG B 4 -4.32 14.96 -1.98
N PHE B 5 -5.49 15.22 -2.53
CA PHE B 5 -6.69 14.48 -2.19
C PHE B 5 -7.24 13.81 -3.44
N CYS B 6 -8.08 12.79 -3.24
CA CYS B 6 -8.65 12.09 -4.39
C CYS B 6 -9.98 11.48 -3.99
N TYR B 7 -10.76 11.12 -5.00
CA TYR B 7 -11.76 10.08 -4.87
C TYR B 7 -11.13 8.75 -5.32
N TYR B 8 -11.61 7.66 -4.74
CA TYR B 8 -11.11 6.35 -5.09
C TYR B 8 -12.26 5.35 -5.08
N ARG B 9 -12.03 4.20 -5.70
CA ARG B 9 -13.00 3.12 -5.66
C ARG B 9 -12.26 1.78 -5.58
N THR B 10 -12.92 0.79 -5.02
CA THR B 10 -12.40 -0.57 -4.94
C THR B 10 -13.16 -1.45 -5.93
N ARG B 11 -12.65 -2.66 -6.10
CA ARG B 11 -13.20 -3.64 -7.04
C ARG B 11 -13.60 -4.90 -6.29
N LYS B 12 -14.74 -5.46 -6.66
CA LYS B 12 -15.19 -6.75 -6.15
C LYS B 12 -15.20 -7.72 -7.32
N ARG B 13 -14.19 -8.59 -7.37
CA ARG B 13 -14.02 -9.53 -8.49
C ARG B 13 -14.01 -8.79 -9.82
N GLY B 14 -13.36 -7.63 -9.85
CA GLY B 14 -13.21 -6.85 -11.05
C GLY B 14 -14.29 -5.81 -11.28
N HIS B 15 -15.42 -5.91 -10.57
CA HIS B 15 -16.51 -4.96 -10.76
C HIS B 15 -16.21 -3.68 -9.99
N PRO B 16 -16.27 -2.51 -10.63
CA PRO B 16 -15.92 -1.26 -9.93
C PRO B 16 -17.01 -0.85 -8.95
N GLY B 17 -16.58 -0.38 -7.77
CA GLY B 17 -17.49 0.10 -6.75
C GLY B 17 -17.79 1.57 -6.88
N GLU B 18 -18.56 2.07 -5.92
CA GLU B 18 -18.88 3.49 -5.87
C GLU B 18 -17.65 4.32 -5.56
N TRP B 19 -17.64 5.55 -6.05
CA TRP B 19 -16.57 6.48 -5.72
C TRP B 19 -16.65 6.84 -4.24
N GLN B 20 -15.52 6.71 -3.55
CA GLN B 20 -15.42 7.03 -2.14
C GLN B 20 -14.48 8.20 -1.95
N GLY B 21 -14.64 8.87 -0.81
CA GLY B 21 -13.79 10.00 -0.48
C GLY B 21 -14.57 11.30 -0.50
N PRO B 22 -13.88 12.43 -0.64
CA PRO B 22 -12.43 12.54 -0.85
C PRO B 22 -11.58 12.10 0.34
N THR B 23 -10.37 11.65 0.05
CA THR B 23 -9.44 11.20 1.07
C THR B 23 -8.04 11.59 0.64
N GLN B 24 -7.14 11.68 1.60
CA GLN B 24 -5.78 12.10 1.31
C GLN B 24 -5.02 11.00 0.57
N VAL B 25 -4.27 11.39 -0.45
CA VAL B 25 -3.34 10.47 -1.11
C VAL B 25 -2.13 10.34 -0.20
N LEU B 26 -1.99 9.17 0.44
CA LEU B 26 -0.92 9.02 1.42
C LEU B 26 0.41 8.68 0.78
N TRP B 27 0.38 8.02 -0.38
CA TRP B 27 1.60 7.66 -1.08
C TRP B 27 1.26 7.49 -2.55
N GLY B 28 2.14 7.98 -3.41
CA GLY B 28 1.97 7.83 -4.84
C GLY B 28 3.05 6.96 -5.44
N GLY B 29 2.66 5.82 -5.99
CA GLY B 29 3.58 4.90 -6.61
C GLY B 29 3.56 4.99 -8.12
N ASP B 30 4.09 3.95 -8.76
CA ASP B 30 4.09 3.83 -10.22
C ASP B 30 2.78 3.14 -10.60
N GLY B 31 1.80 3.93 -11.01
CA GLY B 31 0.52 3.41 -11.44
C GLY B 31 -0.49 3.16 -10.34
N ALA B 32 -0.18 3.48 -9.09
CA ALA B 32 -1.08 3.22 -7.98
C ALA B 32 -0.80 4.19 -6.86
N ILE B 33 -1.76 4.30 -5.94
CA ILE B 33 -1.62 5.11 -4.74
C ILE B 33 -2.03 4.29 -3.52
N VAL B 34 -1.75 4.84 -2.34
CA VAL B 34 -2.20 4.28 -1.07
C VAL B 34 -3.13 5.29 -0.41
N VAL B 35 -4.28 4.82 0.07
CA VAL B 35 -5.21 5.61 0.85
C VAL B 35 -5.55 4.83 2.12
N LYS B 36 -6.10 5.54 3.09
CA LYS B 36 -6.58 4.94 4.33
C LYS B 36 -8.10 4.84 4.24
N ASP B 37 -8.61 3.59 4.25
CA ASP B 37 -10.05 3.35 4.18
C ASP B 37 -10.62 3.45 5.59
N ARG B 38 -11.38 4.52 5.86
CA ARG B 38 -11.79 4.78 7.23
C ARG B 38 -12.90 3.85 7.71
N GLY B 39 -13.50 3.07 6.82
CA GLY B 39 -14.46 2.06 7.24
C GLY B 39 -13.78 0.86 7.88
N THR B 40 -12.76 0.33 7.21
CA THR B 40 -11.99 -0.80 7.72
C THR B 40 -10.77 -0.37 8.53
N ASP B 41 -10.40 0.91 8.47
CA ASP B 41 -9.18 1.42 9.11
C ASP B 41 -7.96 0.63 8.63
N ARG B 42 -7.87 0.44 7.31
CA ARG B 42 -6.75 -0.24 6.69
C ARG B 42 -6.25 0.58 5.51
N TYR B 43 -4.96 0.44 5.24
CA TYR B 43 -4.38 1.05 4.03
C TYR B 43 -4.74 0.19 2.83
N LEU B 44 -5.19 0.84 1.76
CA LEU B 44 -5.56 0.18 0.52
C LEU B 44 -4.70 0.69 -0.63
N VAL B 45 -4.21 -0.23 -1.45
CA VAL B 45 -3.53 0.12 -2.70
C VAL B 45 -4.59 0.25 -3.79
N ILE B 46 -4.65 1.42 -4.41
CA ILE B 46 -5.63 1.70 -5.45
C ILE B 46 -4.89 1.97 -6.76
N ALA B 47 -5.25 1.24 -7.81
CA ALA B 47 -4.70 1.50 -9.12
C ALA B 47 -5.24 2.84 -9.65
N ASN B 48 -4.40 3.52 -10.45
CA ASN B 48 -4.72 4.87 -10.89
C ASN B 48 -6.02 4.93 -11.69
N LYS B 49 -6.38 3.85 -12.39
CA LYS B 49 -7.64 3.84 -13.12
C LYS B 49 -8.83 3.95 -12.18
N ASP B 50 -8.65 3.65 -10.91
CA ASP B 50 -9.70 3.75 -9.90
C ASP B 50 -9.46 4.92 -8.95
N VAL B 51 -8.73 5.95 -9.40
CA VAL B 51 -8.47 7.15 -8.65
C VAL B 51 -8.93 8.35 -9.47
N LYS B 52 -9.58 9.31 -8.81
CA LYS B 52 -9.85 10.62 -9.40
C LYS B 52 -9.12 11.66 -8.55
N PHE B 53 -8.00 12.17 -9.07
CA PHE B 53 -7.22 13.16 -8.33
C PHE B 53 -7.93 14.52 -8.38
N ILE B 54 -8.08 15.15 -7.22
CA ILE B 54 -8.73 16.46 -7.13
C ILE B 54 -7.71 17.52 -7.54
N PRO B 55 -7.99 18.32 -8.56
CA PRO B 55 -7.03 19.33 -9.01
C PRO B 55 -6.70 20.31 -7.90
N PRO B 56 -5.45 20.71 -7.78
CA PRO B 56 -5.05 21.69 -6.75
C PRO B 56 -5.73 23.02 -6.98
N PRO B 57 -5.70 23.93 -6.00
CA PRO B 57 -6.36 25.21 -6.16
C PRO B 57 -5.77 26.04 -7.30
N LYS B 58 -6.64 26.70 -8.04
CA LYS B 58 -6.24 27.48 -9.20
C LYS B 58 -5.81 28.88 -8.81
#